data_7V1L
#
_entry.id   7V1L
#
_cell.length_a   66.902
_cell.length_b   177.051
_cell.length_c   65.892
_cell.angle_alpha   90.000
_cell.angle_beta   90.000
_cell.angle_gamma   90.000
#
_symmetry.space_group_name_H-M   'C 2 2 21'
#
loop_
_entity.id
_entity.type
_entity.pdbx_description
1 polymer 'Isoform 2 of Nuclear autoantigenic sperm protein'
2 polymer 'H3 alpha3 helix peptide'
#
loop_
_entity_poly.entity_id
_entity_poly.type
_entity_poly.pdbx_seq_one_letter_code
_entity_poly.pdbx_strand_id
1 'polypeptide(L)'
;SADKVESLDVDSEAKKLLGLGQKHLVMGDIPAAVNAFQEAASLLGKKYGETANECGEAFFFYGKSLLELARLENKSLQEN
EEEEIGNLELAWDMLDLAKIIFKRQETKEAQLYAAQAHLKLGEVSVESENYVQAVEEFQSCLNLQEQYLEAHDRLLAETH
YQLGLAYGYNSQYDEAVAQFSKSIEVIENRMAVLNEQVKEAEGSSAEYKKEIEELKELLPEIREKIEDAKESQRSGNVAE
LALKATLVESST
;
B
2 'polypeptide(L)' RVTIMPKDIQLARRIRGERA V
#
# COMPACT_ATOMS: atom_id res chain seq x y z
N ASP A 9 4.79 29.19 3.40
CA ASP A 9 4.45 27.79 3.62
C ASP A 9 3.31 27.36 2.69
N VAL A 10 3.64 26.57 1.66
CA VAL A 10 2.66 26.05 0.70
C VAL A 10 2.76 24.54 0.57
N ASP A 11 3.96 24.01 0.39
CA ASP A 11 4.18 22.57 0.49
C ASP A 11 3.91 22.08 1.89
N SER A 12 4.14 22.95 2.88
CA SER A 12 3.79 22.65 4.26
C SER A 12 2.30 22.35 4.38
N GLU A 13 1.45 23.32 4.04
CA GLU A 13 0.01 23.16 4.26
C GLU A 13 -0.62 22.14 3.30
N ALA A 14 -0.02 21.91 2.13
CA ALA A 14 -0.66 21.03 1.14
C ALA A 14 -0.67 19.57 1.62
N LYS A 15 0.44 19.11 2.22
CA LYS A 15 0.49 17.74 2.75
C LYS A 15 -0.52 17.56 3.87
N LYS A 16 -0.68 18.57 4.72
CA LYS A 16 -1.69 18.50 5.78
C LYS A 16 -3.07 18.23 5.18
N LEU A 17 -3.42 18.96 4.12
CA LEU A 17 -4.74 18.78 3.49
C LEU A 17 -4.86 17.40 2.84
N LEU A 18 -3.76 16.85 2.34
CA LEU A 18 -3.80 15.47 1.86
C LEU A 18 -4.14 14.52 3.01
N GLY A 19 -3.49 14.69 4.17
CA GLY A 19 -3.85 13.87 5.32
C GLY A 19 -5.29 14.05 5.72
N LEU A 20 -5.71 15.30 5.91
CA LEU A 20 -7.11 15.63 6.23
C LEU A 20 -8.08 14.89 5.33
N GLY A 21 -7.91 15.04 4.01
CA GLY A 21 -8.84 14.44 3.09
C GLY A 21 -8.77 12.93 3.11
N GLN A 22 -7.55 12.37 3.21
CA GLN A 22 -7.40 10.92 3.17
C GLN A 22 -8.19 10.27 4.28
N LYS A 23 -8.19 10.89 5.45
CA LYS A 23 -8.89 10.39 6.61
C LYS A 23 -10.32 10.89 6.70
N HIS A 24 -10.70 11.91 5.93
CA HIS A 24 -12.12 12.13 5.70
C HIS A 24 -12.68 11.07 4.76
N LEU A 25 -11.81 10.48 3.94
CA LEU A 25 -12.20 9.37 3.08
C LEU A 25 -12.40 8.10 3.89
N VAL A 26 -11.34 7.69 4.60
CA VAL A 26 -11.37 6.48 5.41
C VAL A 26 -12.49 6.53 6.45
N MET A 27 -12.89 7.74 6.86
CA MET A 27 -14.08 7.92 7.68
C MET A 27 -15.36 7.97 6.85
N GLY A 28 -15.29 8.42 5.59
CA GLY A 28 -16.47 8.44 4.76
C GLY A 28 -17.18 9.77 4.66
N ASP A 29 -16.64 10.84 5.28
CA ASP A 29 -17.12 12.19 4.99
C ASP A 29 -16.43 12.64 3.71
N ILE A 30 -17.09 12.41 2.58
CA ILE A 30 -16.47 12.58 1.28
C ILE A 30 -16.52 14.03 0.81
N PRO A 31 -17.61 14.76 0.97
CA PRO A 31 -17.55 16.21 0.67
C PRO A 31 -16.44 16.92 1.42
N ALA A 32 -16.12 16.46 2.64
CA ALA A 32 -15.02 17.04 3.40
C ALA A 32 -13.66 16.55 2.93
N ALA A 33 -13.58 15.36 2.31
CA ALA A 33 -12.34 14.92 1.70
C ALA A 33 -12.10 15.60 0.36
N VAL A 34 -13.15 15.75 -0.45
CA VAL A 34 -13.07 16.50 -1.69
C VAL A 34 -12.57 17.91 -1.42
N ASN A 35 -13.12 18.55 -0.39
CA ASN A 35 -12.70 19.91 -0.01
C ASN A 35 -11.21 19.94 0.31
N ALA A 36 -10.73 19.00 1.13
CA ALA A 36 -9.31 18.98 1.46
C ALA A 36 -8.46 18.79 0.21
N PHE A 37 -8.89 17.92 -0.70
CA PHE A 37 -8.11 17.65 -1.89
C PHE A 37 -8.17 18.81 -2.88
N GLN A 38 -9.34 19.44 -3.04
CA GLN A 38 -9.47 20.54 -3.99
C GLN A 38 -8.53 21.69 -3.64
N GLU A 39 -8.30 21.91 -2.35
CA GLU A 39 -7.42 23.01 -1.98
C GLU A 39 -5.95 22.59 -2.03
N ALA A 40 -5.61 21.38 -1.62
CA ALA A 40 -4.23 20.93 -1.82
C ALA A 40 -3.85 21.06 -3.28
N ALA A 41 -4.73 20.57 -4.17
CA ALA A 41 -4.50 20.68 -5.60
C ALA A 41 -4.40 22.13 -6.04
N SER A 42 -5.10 23.06 -5.37
CA SER A 42 -5.03 24.48 -5.71
C SER A 42 -3.76 25.14 -5.18
N LEU A 43 -3.25 24.69 -4.03
CA LEU A 43 -2.00 25.23 -3.48
C LEU A 43 -0.80 24.81 -4.31
N LEU A 44 -0.84 23.59 -4.85
CA LEU A 44 0.27 23.12 -5.66
C LEU A 44 0.19 23.67 -7.08
N GLY A 45 -1.02 23.76 -7.64
CA GLY A 45 -1.21 24.32 -8.97
C GLY A 45 -0.72 25.77 -9.06
N LYS A 46 -0.97 26.55 -8.02
CA LYS A 46 -0.55 27.96 -7.98
C LYS A 46 0.87 28.14 -7.44
N LYS A 47 1.66 27.07 -7.34
CA LYS A 47 3.05 27.22 -6.92
C LYS A 47 3.98 26.52 -7.90
N TYR A 48 3.48 25.46 -8.54
CA TYR A 48 4.23 24.66 -9.48
C TYR A 48 3.57 24.56 -10.84
N GLY A 49 2.31 24.92 -10.94
CA GLY A 49 1.61 24.75 -12.20
C GLY A 49 0.87 23.44 -12.23
N GLU A 50 -0.22 23.42 -12.99
CA GLU A 50 -1.19 22.34 -12.95
C GLU A 50 -0.90 21.24 -13.97
N THR A 51 0.36 21.06 -14.35
CA THR A 51 0.84 19.85 -15.00
C THR A 51 2.13 19.38 -14.34
N ALA A 52 2.56 20.07 -13.27
CA ALA A 52 3.85 19.81 -12.66
C ALA A 52 3.83 18.48 -11.94
N ASN A 53 5.00 17.84 -11.89
CA ASN A 53 5.09 16.57 -11.16
C ASN A 53 4.70 16.74 -9.70
N GLU A 54 4.90 17.92 -9.11
CA GLU A 54 4.51 18.11 -7.72
C GLU A 54 3.00 18.03 -7.49
N CYS A 55 2.18 18.01 -8.54
CA CYS A 55 0.74 17.99 -8.39
C CYS A 55 0.10 16.62 -8.60
N GLY A 56 0.90 15.58 -8.85
CA GLY A 56 0.33 14.32 -9.32
C GLY A 56 -0.48 13.60 -8.26
N GLU A 57 0.12 13.40 -7.08
CA GLU A 57 -0.62 12.80 -5.97
C GLU A 57 -1.84 13.65 -5.61
N ALA A 58 -1.68 14.96 -5.51
CA ALA A 58 -2.79 15.80 -5.08
C ALA A 58 -3.96 15.72 -6.06
N PHE A 59 -3.67 15.63 -7.35
CA PHE A 59 -4.73 15.51 -8.35
C PHE A 59 -5.37 14.13 -8.34
N PHE A 60 -4.56 13.08 -8.11
CA PHE A 60 -5.12 11.74 -8.10
C PHE A 60 -6.05 11.54 -6.90
N PHE A 61 -5.60 11.98 -5.72
CA PHE A 61 -6.49 11.88 -4.57
C PHE A 61 -7.74 12.73 -4.76
N TYR A 62 -7.61 13.89 -5.38
CA TYR A 62 -8.77 14.73 -5.68
C TYR A 62 -9.76 14.01 -6.60
N GLY A 63 -9.27 13.43 -7.70
CA GLY A 63 -10.16 12.71 -8.61
C GLY A 63 -10.69 11.40 -8.06
N LYS A 64 -9.90 10.74 -7.20
CA LYS A 64 -10.40 9.58 -6.46
C LYS A 64 -11.62 9.96 -5.63
N SER A 65 -11.53 11.08 -4.90
CA SER A 65 -12.67 11.52 -4.10
C SER A 65 -13.79 12.13 -4.94
N LEU A 66 -13.48 12.63 -6.14
CA LEU A 66 -14.56 13.04 -7.04
C LEU A 66 -15.35 11.84 -7.55
N LEU A 67 -14.67 10.74 -7.87
CA LEU A 67 -15.35 9.52 -8.29
C LEU A 67 -16.28 9.01 -7.21
N GLU A 68 -15.81 9.04 -5.97
CA GLU A 68 -16.65 8.58 -4.86
C GLU A 68 -17.82 9.53 -4.62
N LEU A 69 -17.63 10.82 -4.89
CA LEU A 69 -18.74 11.76 -4.71
C LEU A 69 -19.87 11.47 -5.69
N ALA A 70 -19.55 11.09 -6.92
CA ALA A 70 -20.58 10.77 -7.91
C ALA A 70 -21.34 9.48 -7.55
N ARG A 71 -21.16 8.97 -6.34
CA ARG A 71 -21.77 7.72 -5.89
C ARG A 71 -22.64 7.98 -4.64
N ASN A 87 -19.43 16.18 -13.05
CA ASN A 87 -18.97 15.65 -11.75
C ASN A 87 -18.16 14.35 -11.90
N LEU A 88 -18.83 13.30 -12.35
CA LEU A 88 -18.08 12.12 -12.75
C LEU A 88 -17.15 12.46 -13.89
N GLU A 89 -17.46 13.54 -14.62
CA GLU A 89 -16.60 14.03 -15.67
C GLU A 89 -15.40 14.78 -15.10
N LEU A 90 -15.56 15.44 -13.94
CA LEU A 90 -14.40 16.08 -13.31
C LEU A 90 -13.45 15.05 -12.72
N ALA A 91 -13.98 13.94 -12.21
CA ALA A 91 -13.13 12.82 -11.80
C ALA A 91 -12.23 12.37 -12.95
N TRP A 92 -12.77 12.33 -14.17
CA TRP A 92 -11.98 11.84 -15.30
C TRP A 92 -10.82 12.77 -15.61
N ASP A 93 -11.10 14.08 -15.72
CA ASP A 93 -10.06 15.06 -15.96
C ASP A 93 -8.91 14.90 -14.98
N MET A 94 -9.26 14.88 -13.69
CA MET A 94 -8.25 14.91 -12.64
C MET A 94 -7.44 13.62 -12.58
N LEU A 95 -8.09 12.48 -12.83
CA LEU A 95 -7.35 11.22 -12.84
C LEU A 95 -6.48 11.10 -14.08
N ASP A 96 -6.98 11.51 -15.25
CA ASP A 96 -6.15 11.46 -16.44
C ASP A 96 -4.95 12.41 -16.34
N LEU A 97 -5.16 13.63 -15.82
CA LEU A 97 -4.01 14.51 -15.56
C LEU A 97 -3.00 13.81 -14.67
N ALA A 98 -3.48 13.14 -13.61
CA ALA A 98 -2.60 12.41 -12.72
C ALA A 98 -1.86 11.31 -13.47
N LYS A 99 -2.55 10.56 -14.33
CA LYS A 99 -1.88 9.51 -15.09
C LYS A 99 -0.71 10.08 -15.87
N ILE A 100 -0.94 11.21 -16.56
CA ILE A 100 0.13 11.83 -17.36
C ILE A 100 1.29 12.21 -16.48
N ILE A 101 1.01 12.97 -15.42
CA ILE A 101 2.06 13.42 -14.51
C ILE A 101 2.86 12.22 -14.01
N PHE A 102 2.18 11.10 -13.77
CA PHE A 102 2.77 9.91 -13.16
C PHE A 102 3.58 9.12 -14.17
N LYS A 103 3.07 8.97 -15.39
CA LYS A 103 3.73 8.12 -16.40
C LYS A 103 4.98 8.77 -16.97
N ARG A 104 5.04 10.11 -16.98
CA ARG A 104 6.18 10.86 -17.49
C ARG A 104 7.44 10.64 -16.64
N GLN A 105 7.30 10.18 -15.40
CA GLN A 105 8.43 9.93 -14.52
C GLN A 105 8.72 8.44 -14.49
N GLU A 106 9.99 8.06 -14.65
CA GLU A 106 10.39 6.66 -14.59
C GLU A 106 10.91 6.30 -13.20
N THR A 107 10.01 6.35 -12.22
CA THR A 107 10.18 5.71 -10.93
C THR A 107 9.15 4.61 -10.82
N LYS A 108 9.51 3.53 -10.12
CA LYS A 108 8.51 2.50 -9.92
C LYS A 108 7.35 3.02 -9.07
N GLU A 109 7.64 3.80 -8.03
CA GLU A 109 6.58 4.44 -7.26
C GLU A 109 5.62 5.21 -8.16
N ALA A 110 6.17 5.95 -9.14
CA ALA A 110 5.32 6.75 -10.00
C ALA A 110 4.57 5.87 -11.01
N GLN A 111 5.23 4.83 -11.50
CA GLN A 111 4.58 3.92 -12.45
C GLN A 111 3.42 3.16 -11.78
N LEU A 112 3.60 2.78 -10.52
CA LEU A 112 2.52 2.17 -9.76
C LEU A 112 1.39 3.16 -9.53
N TYR A 113 1.72 4.42 -9.26
CA TYR A 113 0.68 5.43 -9.14
C TYR A 113 -0.03 5.64 -10.46
N ALA A 114 0.71 5.52 -11.57
CA ALA A 114 0.08 5.59 -12.88
C ALA A 114 -0.89 4.43 -13.06
N ALA A 115 -0.47 3.24 -12.63
CA ALA A 115 -1.39 2.10 -12.64
C ALA A 115 -2.63 2.42 -11.83
N GLN A 116 -2.46 2.97 -10.62
CA GLN A 116 -3.59 3.32 -9.78
C GLN A 116 -4.51 4.35 -10.43
N ALA A 117 -3.95 5.29 -11.18
CA ALA A 117 -4.77 6.25 -11.89
C ALA A 117 -5.57 5.55 -12.99
N HIS A 118 -4.94 4.60 -13.67
CA HIS A 118 -5.67 3.75 -14.62
C HIS A 118 -6.80 2.96 -13.95
N LEU A 119 -6.55 2.41 -12.75
CA LEU A 119 -7.59 1.66 -12.06
C LEU A 119 -8.80 2.53 -11.80
N LYS A 120 -8.57 3.77 -11.33
CA LYS A 120 -9.69 4.68 -11.04
C LYS A 120 -10.32 5.21 -12.32
N LEU A 121 -9.52 5.46 -13.37
CA LEU A 121 -10.10 5.83 -14.66
C LEU A 121 -10.99 4.73 -15.20
N GLY A 122 -10.61 3.46 -14.97
CA GLY A 122 -11.50 2.36 -15.28
C GLY A 122 -12.72 2.33 -14.39
N GLU A 123 -12.56 2.66 -13.10
CA GLU A 123 -13.74 2.71 -12.23
C GLU A 123 -14.72 3.79 -12.68
N VAL A 124 -14.20 4.92 -13.20
CA VAL A 124 -15.07 5.96 -13.76
C VAL A 124 -15.77 5.47 -15.02
N SER A 125 -15.06 4.71 -15.86
CA SER A 125 -15.71 4.14 -17.05
C SER A 125 -16.90 3.27 -16.69
N VAL A 126 -16.77 2.45 -15.66
CA VAL A 126 -17.87 1.56 -15.28
C VAL A 126 -19.07 2.37 -14.78
N GLU A 127 -18.82 3.39 -13.95
CA GLU A 127 -19.90 4.30 -13.58
C GLU A 127 -20.55 4.90 -14.82
N SER A 128 -19.75 5.22 -15.85
CA SER A 128 -20.20 5.78 -17.12
C SER A 128 -20.77 4.75 -18.09
N GLU A 129 -21.02 3.51 -17.63
CA GLU A 129 -21.54 2.42 -18.47
C GLU A 129 -20.73 2.24 -19.76
N ASN A 130 -19.48 2.66 -19.74
CA ASN A 130 -18.58 2.58 -20.87
C ASN A 130 -17.59 1.45 -20.58
N TYR A 131 -18.02 0.21 -20.89
CA TYR A 131 -17.35 -0.99 -20.38
C TYR A 131 -16.16 -1.42 -21.22
N VAL A 132 -16.11 -1.02 -22.49
CA VAL A 132 -14.96 -1.37 -23.31
C VAL A 132 -13.75 -0.55 -22.92
N GLN A 133 -13.97 0.68 -22.48
CA GLN A 133 -12.87 1.48 -21.98
C GLN A 133 -12.39 1.03 -20.61
N ALA A 134 -13.32 0.62 -19.73
CA ALA A 134 -12.91 0.06 -18.46
C ALA A 134 -11.94 -1.10 -18.68
N VAL A 135 -12.30 -2.03 -19.58
CA VAL A 135 -11.39 -3.10 -19.97
C VAL A 135 -10.04 -2.54 -20.37
N GLU A 136 -10.05 -1.48 -21.20
CA GLU A 136 -8.80 -0.87 -21.67
C GLU A 136 -8.02 -0.26 -20.50
N GLU A 137 -8.70 0.39 -19.56
CA GLU A 137 -7.99 1.03 -18.47
C GLU A 137 -7.58 0.02 -17.40
N PHE A 138 -8.41 -0.98 -17.13
CA PHE A 138 -8.06 -2.02 -16.18
C PHE A 138 -6.89 -2.86 -16.69
N GLN A 139 -6.93 -3.25 -17.96
CA GLN A 139 -5.78 -3.91 -18.56
C GLN A 139 -4.52 -3.05 -18.45
N SER A 140 -4.65 -1.74 -18.67
CA SER A 140 -3.52 -0.83 -18.55
C SER A 140 -2.94 -0.85 -17.15
N CYS A 141 -3.81 -0.81 -16.14
CA CYS A 141 -3.33 -0.95 -14.78
C CYS A 141 -2.57 -2.25 -14.60
N LEU A 142 -3.13 -3.35 -15.10
CA LEU A 142 -2.55 -4.68 -14.86
C LEU A 142 -1.20 -4.83 -15.53
N ASN A 143 -1.10 -4.45 -16.81
CA ASN A 143 0.20 -4.57 -17.48
C ASN A 143 1.27 -3.79 -16.74
N LEU A 144 0.92 -2.64 -16.18
CA LEU A 144 1.88 -1.90 -15.38
C LEU A 144 2.19 -2.63 -14.08
N GLN A 145 1.17 -3.06 -13.34
CA GLN A 145 1.40 -3.63 -12.03
C GLN A 145 2.15 -4.97 -12.10
N GLU A 146 1.95 -5.74 -13.16
CA GLU A 146 2.67 -7.02 -13.25
C GLU A 146 4.17 -6.85 -13.55
N GLN A 147 4.58 -5.67 -14.02
CA GLN A 147 6.00 -5.39 -14.24
C GLN A 147 6.75 -5.17 -12.93
N TYR A 148 6.06 -4.76 -11.88
CA TYR A 148 6.70 -4.28 -10.66
C TYR A 148 6.24 -4.95 -9.38
N LEU A 149 5.15 -5.74 -9.41
CA LEU A 149 4.60 -6.34 -8.20
C LEU A 149 4.75 -7.86 -8.23
N GLU A 150 4.91 -8.43 -7.04
CA GLU A 150 5.01 -9.88 -6.84
C GLU A 150 3.67 -10.59 -7.10
N ALA A 151 3.76 -11.86 -7.49
CA ALA A 151 2.55 -12.59 -7.92
C ALA A 151 1.53 -12.84 -6.78
N HIS A 152 1.71 -12.29 -5.58
CA HIS A 152 0.81 -12.45 -4.45
C HIS A 152 0.37 -11.11 -3.86
N ASP A 153 0.44 -10.05 -4.65
CA ASP A 153 0.02 -8.72 -4.22
C ASP A 153 -1.49 -8.59 -4.41
N ARG A 154 -2.19 -8.31 -3.31
CA ARG A 154 -3.63 -8.12 -3.36
C ARG A 154 -4.05 -7.08 -4.41
N LEU A 155 -3.21 -6.08 -4.69
CA LEU A 155 -3.49 -5.13 -5.77
C LEU A 155 -3.70 -5.83 -7.13
N LEU A 156 -2.99 -6.94 -7.37
CA LEU A 156 -3.21 -7.70 -8.59
C LEU A 156 -4.51 -8.50 -8.53
N ALA A 157 -4.87 -9.00 -7.34
CA ALA A 157 -6.18 -9.59 -7.15
C ALA A 157 -7.29 -8.57 -7.37
N GLU A 158 -7.04 -7.29 -7.03
CA GLU A 158 -8.05 -6.25 -7.24
C GLU A 158 -8.22 -5.95 -8.72
N THR A 159 -7.11 -5.78 -9.45
CA THR A 159 -7.22 -5.50 -10.88
C THR A 159 -7.88 -6.66 -11.62
N HIS A 160 -7.43 -7.89 -11.35
CA HIS A 160 -8.07 -9.04 -12.00
C HIS A 160 -9.58 -9.04 -11.74
N TYR A 161 -9.97 -8.74 -10.50
CA TYR A 161 -11.38 -8.75 -10.18
C TYR A 161 -12.13 -7.61 -10.86
N GLN A 162 -11.58 -6.40 -10.77
CA GLN A 162 -12.18 -5.26 -11.47
C GLN A 162 -12.23 -5.50 -12.98
N LEU A 163 -11.24 -6.20 -13.52
CA LEU A 163 -11.24 -6.51 -14.94
C LEU A 163 -12.35 -7.51 -15.28
N GLY A 164 -12.50 -8.57 -14.48
CA GLY A 164 -13.59 -9.49 -14.69
C GLY A 164 -14.96 -8.86 -14.52
N LEU A 165 -15.08 -7.85 -13.65
CA LEU A 165 -16.33 -7.09 -13.56
C LEU A 165 -16.62 -6.40 -14.87
N ALA A 166 -15.63 -5.67 -15.41
CA ALA A 166 -15.81 -4.96 -16.67
C ALA A 166 -16.19 -5.93 -17.78
N TYR A 167 -15.41 -7.00 -17.93
CA TYR A 167 -15.72 -8.04 -18.92
C TYR A 167 -17.14 -8.58 -18.74
N GLY A 168 -17.55 -8.86 -17.50
CA GLY A 168 -18.89 -9.39 -17.26
C GLY A 168 -20.00 -8.37 -17.54
N TYR A 169 -19.81 -7.12 -17.11
CA TYR A 169 -20.76 -6.05 -17.45
C TYR A 169 -20.90 -5.88 -18.96
N ASN A 170 -19.78 -5.98 -19.68
CA ASN A 170 -19.74 -5.93 -21.13
C ASN A 170 -20.22 -7.22 -21.76
N SER A 171 -20.61 -8.18 -20.91
CA SER A 171 -21.23 -9.43 -21.34
C SER A 171 -20.24 -10.35 -22.04
N GLN A 172 -18.94 -10.26 -21.67
CA GLN A 172 -17.91 -11.21 -22.10
C GLN A 172 -17.68 -12.16 -20.94
N TYR A 173 -18.51 -13.20 -20.89
CA TYR A 173 -18.59 -14.01 -19.68
C TYR A 173 -17.40 -14.96 -19.54
N ASP A 174 -16.87 -15.48 -20.66
CA ASP A 174 -15.70 -16.36 -20.54
C ASP A 174 -14.45 -15.59 -20.08
N GLU A 175 -14.22 -14.38 -20.58
CA GLU A 175 -13.06 -13.63 -20.07
C GLU A 175 -13.31 -13.10 -18.66
N ALA A 176 -14.57 -12.89 -18.29
CA ALA A 176 -14.88 -12.48 -16.93
C ALA A 176 -14.51 -13.57 -15.93
N VAL A 177 -14.91 -14.80 -16.22
CA VAL A 177 -14.53 -15.92 -15.35
C VAL A 177 -13.02 -16.04 -15.26
N ALA A 178 -12.34 -15.91 -16.41
CA ALA A 178 -10.89 -16.02 -16.44
C ALA A 178 -10.26 -15.02 -15.49
N GLN A 179 -10.76 -13.79 -15.48
CA GLN A 179 -10.19 -12.79 -14.60
C GLN A 179 -10.56 -13.04 -13.14
N PHE A 180 -11.78 -13.51 -12.85
CA PHE A 180 -12.13 -13.85 -11.47
C PHE A 180 -11.24 -14.97 -10.94
N SER A 181 -10.99 -15.99 -11.77
CA SER A 181 -10.11 -17.09 -11.37
C SER A 181 -8.66 -16.64 -11.18
N LYS A 182 -8.18 -15.70 -12.01
CA LYS A 182 -6.88 -15.08 -11.75
C LYS A 182 -6.86 -14.38 -10.39
N SER A 183 -7.94 -13.67 -10.06
CA SER A 183 -8.01 -13.02 -8.76
C SER A 183 -7.86 -14.04 -7.64
N ILE A 184 -8.66 -15.11 -7.70
CA ILE A 184 -8.60 -16.16 -6.69
C ILE A 184 -7.20 -16.74 -6.63
N GLU A 185 -6.61 -16.99 -7.80
CA GLU A 185 -5.24 -17.53 -7.89
C GLU A 185 -4.24 -16.63 -7.19
N VAL A 186 -4.40 -15.30 -7.30
CA VAL A 186 -3.53 -14.40 -6.54
C VAL A 186 -3.84 -14.50 -5.06
N ILE A 187 -5.11 -14.49 -4.69
CA ILE A 187 -5.47 -14.55 -3.27
C ILE A 187 -4.97 -15.85 -2.67
N GLU A 188 -5.08 -16.96 -3.41
CA GLU A 188 -4.62 -18.25 -2.90
C GLU A 188 -3.10 -18.27 -2.76
N ASN A 189 -2.38 -17.66 -3.72
CA ASN A 189 -0.92 -17.56 -3.60
C ASN A 189 -0.54 -16.79 -2.34
N ARG A 190 -1.28 -15.75 -2.01
CA ARG A 190 -0.90 -14.97 -0.82
C ARG A 190 -1.18 -15.74 0.48
N MET A 191 -2.23 -16.58 0.53
CA MET A 191 -2.42 -17.45 1.71
C MET A 191 -1.26 -18.44 1.85
N ALA A 192 -0.66 -18.87 0.73
CA ALA A 192 0.52 -19.72 0.75
C ALA A 192 1.70 -18.99 1.36
N VAL A 193 1.97 -17.76 0.90
CA VAL A 193 3.09 -16.99 1.40
C VAL A 193 2.90 -16.66 2.87
N LEU A 194 1.68 -16.31 3.26
CA LEU A 194 1.40 -15.96 4.65
C LEU A 194 1.57 -17.16 5.59
N ASN A 195 1.24 -18.37 5.13
CA ASN A 195 1.41 -19.52 6.00
C ASN A 195 2.89 -19.84 6.20
N GLU A 196 3.69 -19.65 5.16
CA GLU A 196 5.13 -19.80 5.31
C GLU A 196 5.70 -18.81 6.31
N GLN A 197 5.28 -17.55 6.21
CA GLN A 197 5.74 -16.52 7.13
C GLN A 197 5.28 -16.78 8.56
N VAL A 198 4.13 -17.42 8.75
CA VAL A 198 3.74 -17.86 10.08
C VAL A 198 4.75 -18.86 10.62
N LYS A 199 5.01 -19.92 9.86
CA LYS A 199 5.96 -20.94 10.29
C LYS A 199 7.36 -20.37 10.50
N GLU A 200 7.76 -19.35 9.73
CA GLU A 200 9.06 -18.73 9.93
C GLU A 200 9.07 -17.76 11.12
N ALA A 201 7.95 -17.11 11.40
CA ALA A 201 7.87 -16.25 12.57
C ALA A 201 7.82 -17.09 13.83
N GLU A 202 6.87 -18.01 13.89
CA GLU A 202 6.71 -18.87 15.06
C GLU A 202 7.92 -19.77 15.27
N GLY A 203 8.68 -20.05 14.22
CA GLY A 203 9.90 -20.82 14.34
C GLY A 203 11.03 -19.95 14.85
N SER A 204 11.15 -18.73 14.33
CA SER A 204 12.09 -17.77 14.90
C SER A 204 11.80 -17.52 16.37
N SER A 205 10.54 -17.23 16.70
CA SER A 205 10.14 -17.11 18.09
C SER A 205 10.62 -18.30 18.91
N ALA A 206 10.52 -19.51 18.37
CA ALA A 206 10.92 -20.70 19.10
C ALA A 206 12.40 -20.65 19.45
N GLU A 207 13.22 -20.23 18.48
CA GLU A 207 14.67 -20.21 18.70
C GLU A 207 15.10 -19.06 19.58
N TYR A 208 14.48 -17.87 19.41
CA TYR A 208 14.78 -16.77 20.32
C TYR A 208 14.50 -17.18 21.75
N LYS A 209 13.38 -17.86 21.99
CA LYS A 209 13.06 -18.28 23.35
C LYS A 209 14.11 -19.25 23.89
N LYS A 210 14.59 -20.16 23.04
CA LYS A 210 15.57 -21.16 23.50
C LYS A 210 16.91 -20.53 23.86
N GLU A 211 17.36 -19.54 23.08
CA GLU A 211 18.63 -18.89 23.39
C GLU A 211 18.54 -18.04 24.65
N ILE A 212 17.38 -17.45 24.90
CA ILE A 212 17.19 -16.67 26.12
C ILE A 212 17.44 -17.53 27.35
N GLU A 213 16.86 -18.73 27.37
CA GLU A 213 17.10 -19.64 28.49
C GLU A 213 18.55 -20.12 28.52
N GLU A 214 19.17 -20.30 27.36
CA GLU A 214 20.59 -20.65 27.33
C GLU A 214 21.42 -19.56 27.97
N LEU A 215 21.01 -18.29 27.80
CA LEU A 215 21.76 -17.16 28.35
C LEU A 215 21.48 -16.96 29.83
N LYS A 216 20.23 -17.20 30.26
CA LYS A 216 19.93 -17.21 31.70
C LYS A 216 20.87 -18.14 32.47
N GLU A 217 21.14 -19.32 31.91
CA GLU A 217 21.98 -20.31 32.58
C GLU A 217 23.46 -19.97 32.52
N LEU A 218 23.84 -18.91 31.80
CA LEU A 218 25.23 -18.45 31.81
C LEU A 218 25.52 -17.50 32.93
N LEU A 219 24.53 -16.70 33.32
CA LEU A 219 24.75 -15.65 34.31
C LEU A 219 25.18 -16.19 35.67
N PRO A 220 24.66 -17.32 36.17
CA PRO A 220 25.24 -17.90 37.40
C PRO A 220 26.73 -18.22 37.27
N GLU A 221 27.16 -18.86 36.17
CA GLU A 221 28.54 -19.28 36.06
C GLU A 221 29.49 -18.07 36.03
N ILE A 222 29.08 -16.97 35.37
CA ILE A 222 29.89 -15.74 35.39
C ILE A 222 29.88 -15.10 36.78
N ARG A 223 28.72 -15.06 37.44
CA ARG A 223 28.67 -14.52 38.80
C ARG A 223 29.59 -15.29 39.75
N GLU A 224 29.72 -16.61 39.57
CA GLU A 224 30.74 -17.34 40.33
C GLU A 224 32.12 -16.73 40.11
N LYS A 225 32.51 -16.55 38.83
CA LYS A 225 33.84 -16.00 38.54
C LYS A 225 34.01 -14.64 39.21
N ILE A 226 32.96 -13.83 39.25
CA ILE A 226 33.05 -12.55 39.96
C ILE A 226 33.32 -12.77 41.45
N GLU A 227 32.51 -13.62 42.09
CA GLU A 227 32.68 -13.82 43.53
C GLU A 227 33.99 -14.53 43.84
N ASP A 228 34.41 -15.46 42.97
CA ASP A 228 35.76 -16.04 43.06
C ASP A 228 36.80 -14.95 43.17
N ALA A 229 36.68 -13.90 42.36
CA ALA A 229 37.67 -12.83 42.33
C ALA A 229 37.54 -11.92 43.54
N LYS A 230 36.31 -11.55 43.93
CA LYS A 230 36.14 -10.66 45.08
C LYS A 230 36.73 -11.28 46.35
N GLU A 231 36.75 -12.62 46.44
CA GLU A 231 37.34 -13.25 47.63
C GLU A 231 38.86 -13.21 47.59
N SER A 232 39.45 -13.38 46.40
CA SER A 232 40.90 -13.27 46.30
C SER A 232 41.39 -11.87 46.62
N GLN A 233 40.56 -10.84 46.40
CA GLN A 233 40.99 -9.48 46.71
C GLN A 233 40.85 -9.17 48.20
N ARG A 234 39.74 -9.62 48.80
CA ARG A 234 39.53 -9.52 50.24
C ARG A 234 40.69 -10.17 50.99
N SER A 235 40.96 -11.44 50.67
CA SER A 235 42.07 -12.20 51.25
C SER A 235 43.43 -11.72 50.77
N GLY A 236 43.49 -11.06 49.62
CA GLY A 236 44.77 -10.56 49.12
C GLY A 236 45.15 -9.25 49.78
N ASN A 237 46.45 -9.14 50.03
CA ASN A 237 47.04 -7.88 50.46
C ASN A 237 47.59 -7.11 49.25
N VAL A 238 48.13 -5.92 49.51
CA VAL A 238 48.53 -5.01 48.44
C VAL A 238 49.83 -5.45 47.78
N ALA A 239 50.65 -6.24 48.49
CA ALA A 239 51.94 -6.65 47.97
C ALA A 239 51.83 -7.77 46.93
N GLU A 240 50.67 -8.41 46.80
CA GLU A 240 50.56 -9.52 45.87
C GLU A 240 50.93 -9.08 44.46
N LEU A 241 50.24 -8.06 43.95
CA LEU A 241 50.46 -7.68 42.56
C LEU A 241 51.86 -7.12 42.36
N ALA A 242 52.31 -6.26 43.27
CA ALA A 242 53.60 -5.61 43.02
C ALA A 242 54.78 -6.56 43.20
N LEU A 243 54.57 -7.76 43.78
CA LEU A 243 55.57 -8.81 43.78
C LEU A 243 55.34 -9.83 42.67
N LYS A 244 54.76 -9.37 41.55
CA LYS A 244 54.46 -10.18 40.37
C LYS A 244 54.35 -9.30 39.10
N MET B 5 -26.68 -4.04 -6.95
CA MET B 5 -25.81 -3.54 -8.02
C MET B 5 -24.40 -3.10 -7.53
N PRO B 6 -24.30 -2.23 -6.53
CA PRO B 6 -22.99 -1.72 -6.11
C PRO B 6 -22.30 -2.48 -4.98
N LYS B 7 -22.79 -3.67 -4.59
CA LYS B 7 -21.99 -4.56 -3.74
C LYS B 7 -20.74 -5.04 -4.47
N ASP B 8 -20.72 -4.94 -5.80
CA ASP B 8 -19.55 -5.35 -6.57
C ASP B 8 -18.33 -4.50 -6.21
N ILE B 9 -18.52 -3.18 -6.01
CA ILE B 9 -17.36 -2.33 -5.72
C ILE B 9 -16.90 -2.50 -4.27
N GLN B 10 -17.79 -2.95 -3.38
CA GLN B 10 -17.39 -3.15 -1.99
C GLN B 10 -16.50 -4.38 -1.86
N LEU B 11 -16.85 -5.45 -2.56
CA LEU B 11 -15.99 -6.63 -2.65
C LEU B 11 -14.61 -6.29 -3.19
N ALA B 12 -14.52 -5.32 -4.11
CA ALA B 12 -13.20 -4.93 -4.60
C ALA B 12 -12.39 -4.24 -3.51
N ARG B 13 -13.03 -3.35 -2.74
CA ARG B 13 -12.29 -2.70 -1.66
C ARG B 13 -11.95 -3.67 -0.55
N ARG B 14 -12.55 -4.86 -0.55
CA ARG B 14 -12.24 -5.96 0.36
C ARG B 14 -11.11 -6.84 -0.15
N ILE B 15 -11.04 -7.06 -1.48
CA ILE B 15 -9.95 -7.83 -2.06
C ILE B 15 -8.63 -7.10 -1.83
N ARG B 16 -8.55 -5.81 -2.16
CA ARG B 16 -7.47 -4.98 -1.65
C ARG B 16 -7.79 -4.60 -0.21
N GLY B 17 -6.76 -4.55 0.63
CA GLY B 17 -7.02 -4.28 2.03
C GLY B 17 -7.25 -2.83 2.38
N GLU B 18 -8.23 -2.19 1.74
CA GLU B 18 -8.58 -0.78 1.96
C GLU B 18 -9.95 -0.43 1.35
#